data_1P22
#
_entry.id   1P22
#
_cell.length_a   82.6
_cell.length_b   82.6
_cell.length_c   111.5
_cell.angle_alpha   90
_cell.angle_beta   90
_cell.angle_gamma   120
#
_symmetry.space_group_name_H-M   'P 31'
#
loop_
_entity.id
_entity.type
_entity.pdbx_description
1 polymer 'F-box/WD-repeat protein 1A'
2 polymer Skp1
3 polymer Beta-catenin
#
loop_
_entity_poly.entity_id
_entity_poly.type
_entity_poly.pdbx_seq_one_letter_code
_entity_poly.pdbx_strand_id
1 'polypeptide(L)'
;SPAIMLQRDFITALPARGLDHIAENILSYLDAKSLCAAELVCKEWYRVTSDGMLWKKLIERMVRTDSLWRGLAERRGWGQ
YLFKNKPPDGNAPPNSFYRALYPKIIQDIETIESNWRCGRHSLQRIHCRSETSKGVYCLQYDDQKIVSGLRDNTIKIWDK
NTLECKRILTGHTGSVLCLQYDERVIITGSSDSTVRVWDVNTGEMLNTLIHHCEAVLHLRFNNGMMVTCSKDRSIAVWDM
ASPTDITLRRVLVGHRAAVNVVDFDDKYIVSASGDRTIKVWNTSTCEFVRTLNGHKRGIACLQYRDRLVVSGSSDNTIRL
WDIECGACLRVLEGHEELVRCIRFDNKRIVSGAYDGKIKVWDLVAALDPRAPAGTLCLRTLVEHSGRVFRLQFDEFQIVS
SSHDDTILIWDFLNDPAAQAEPPRSPSRTYTYISR
;
A
2 'polypeptide(L)'
;MPSIKLQSSDGEIFEVDVEIAKQSVTIKTMLEDLGMDPVPLPNVNAAILKKVIQWCTHHKDDPPDDIPVWDQEFLKVDQG
TLFELILAANYLDIKGLLDVTCKTVANMIKGKTPEEIRKTFNIKNDFTEEEEAQVRKENQWCEEK
;
B
3 'polypeptide(L)' KAAVSHWQQQSYLD(SEP)GIH(SEP)GATTTAP C
#
# COMPACT_ATOMS: atom_id res chain seq x y z
N SER A 1 40.16 10.71 15.43
CA SER A 1 38.78 10.29 15.04
C SER A 1 38.67 8.78 15.03
N PRO A 2 39.54 8.16 14.21
CA PRO A 2 39.57 6.71 13.99
C PRO A 2 40.60 5.98 14.88
N ALA A 3 40.25 5.80 16.17
CA ALA A 3 41.17 5.20 17.16
C ALA A 3 40.50 4.66 18.45
N ILE A 4 39.56 3.71 18.30
CA ILE A 4 38.83 3.16 19.45
C ILE A 4 38.18 1.76 19.32
N MET A 5 38.86 0.77 18.73
CA MET A 5 38.49 -0.67 18.83
C MET A 5 37.22 -1.20 18.10
N LEU A 6 37.02 -2.52 18.16
CA LEU A 6 35.70 -3.18 18.08
C LEU A 6 34.86 -2.59 19.21
N GLN A 7 35.53 -1.76 19.99
CA GLN A 7 35.09 -1.37 21.34
C GLN A 7 33.58 -1.40 21.45
N ARG A 8 32.95 -0.41 20.83
CA ARG A 8 31.68 0.00 21.39
C ARG A 8 30.57 -1.05 21.30
N ASP A 9 30.01 -1.32 22.45
CA ASP A 9 28.77 -2.02 22.56
C ASP A 9 27.79 -0.85 22.58
N PHE A 10 27.30 -0.48 21.39
CA PHE A 10 26.53 0.74 21.22
C PHE A 10 25.34 0.77 22.10
N ILE A 11 24.61 -0.33 22.17
CA ILE A 11 23.34 -0.18 22.86
C ILE A 11 23.42 -0.19 24.40
N THR A 12 24.57 -0.52 24.95
CA THR A 12 24.73 -0.35 26.39
C THR A 12 25.51 0.94 26.60
N ALA A 13 26.25 1.29 25.57
CA ALA A 13 27.11 2.46 25.60
C ALA A 13 26.22 3.70 25.62
N LEU A 14 25.25 3.73 24.70
CA LEU A 14 24.48 4.94 24.47
C LEU A 14 23.63 5.36 25.68
N PRO A 15 22.84 4.46 26.28
CA PRO A 15 22.05 4.89 27.43
C PRO A 15 22.99 5.45 28.50
N ALA A 16 24.14 4.80 28.68
CA ALA A 16 25.11 5.27 29.66
C ALA A 16 25.66 6.68 29.34
N ARG A 17 25.32 7.21 28.17
CA ARG A 17 25.81 8.51 27.72
C ARG A 17 24.68 9.52 27.68
N GLY A 18 23.57 9.16 28.31
CA GLY A 18 22.40 10.02 28.33
C GLY A 18 21.41 9.66 27.26
N LEU A 19 21.86 8.95 26.22
CA LEU A 19 21.18 8.90 24.93
C LEU A 19 20.47 7.58 24.59
N ASP A 20 19.29 7.40 25.16
CA ASP A 20 18.53 6.15 25.07
C ASP A 20 17.91 6.04 23.71
N HIS A 21 17.05 7.00 23.39
CA HIS A 21 16.38 7.08 22.09
C HIS A 21 17.26 6.55 20.93
N ILE A 22 18.56 6.90 20.92
CA ILE A 22 19.43 6.40 19.86
C ILE A 22 19.50 4.87 19.83
N ALA A 23 19.80 4.26 20.97
CA ALA A 23 19.85 2.79 21.10
C ALA A 23 18.50 2.16 20.78
N GLU A 24 17.43 2.78 21.26
CA GLU A 24 16.11 2.37 20.86
C GLU A 24 15.92 2.51 19.36
N ASN A 25 16.30 3.65 18.79
CA ASN A 25 16.15 3.87 17.33
C ASN A 25 16.88 2.81 16.54
N ILE A 26 18.10 2.45 17.00
CA ILE A 26 18.92 1.41 16.39
C ILE A 26 18.21 0.08 16.45
N LEU A 27 17.85 -0.39 17.64
CA LEU A 27 17.10 -1.65 17.73
C LEU A 27 15.83 -1.64 16.85
N SER A 28 15.14 -0.52 16.79
CA SER A 28 13.85 -0.47 16.09
C SER A 28 13.86 -0.91 14.61
N TYR A 29 15.00 -0.89 13.92
CA TYR A 29 15.07 -1.42 12.56
C TYR A 29 15.04 -2.96 12.51
N LEU A 30 15.00 -3.63 13.67
CA LEU A 30 15.09 -5.10 13.68
C LEU A 30 13.78 -5.82 13.41
N ASP A 31 13.84 -6.97 12.75
CA ASP A 31 12.68 -7.85 12.67
C ASP A 31 12.55 -8.64 13.97
N ALA A 32 11.40 -9.24 14.22
CA ALA A 32 11.12 -9.90 15.51
C ALA A 32 12.10 -11.03 15.87
N LYS A 33 12.24 -12.02 14.97
CA LYS A 33 13.19 -13.13 15.16
C LYS A 33 14.56 -12.54 14.90
N SER A 34 15.04 -11.75 15.87
CA SER A 34 16.20 -10.88 15.72
C SER A 34 16.14 -9.74 16.73
N LEU A 35 14.95 -9.22 16.98
CA LEU A 35 14.72 -8.42 18.16
C LEU A 35 14.72 -9.40 19.31
N CYS A 36 14.30 -10.62 19.04
CA CYS A 36 14.40 -11.72 20.00
C CYS A 36 15.82 -11.93 20.39
N ALA A 37 16.69 -11.80 19.39
CA ALA A 37 18.10 -11.95 19.55
C ALA A 37 18.64 -10.83 20.42
N ALA A 38 18.47 -9.57 20.02
CA ALA A 38 18.95 -8.45 20.84
C ALA A 38 18.54 -8.65 22.30
N GLU A 39 17.27 -9.05 22.50
CA GLU A 39 16.65 -9.29 23.81
C GLU A 39 17.51 -10.15 24.73
N LEU A 40 18.38 -10.97 24.11
CA LEU A 40 18.94 -12.14 24.74
C LEU A 40 20.47 -12.07 24.69
N VAL A 41 20.97 -11.00 24.08
CA VAL A 41 22.40 -10.72 24.02
C VAL A 41 22.96 -10.60 25.44
N CYS A 42 22.44 -9.66 26.22
CA CYS A 42 22.88 -9.42 27.59
C CYS A 42 21.80 -8.65 28.35
N LYS A 43 21.97 -8.50 29.67
CA LYS A 43 20.93 -7.93 30.55
C LYS A 43 20.52 -6.50 30.19
N GLU A 44 21.47 -5.71 29.71
CA GLU A 44 21.24 -4.29 29.43
C GLU A 44 20.67 -4.19 28.09
N TRP A 45 21.21 -4.98 27.17
CA TRP A 45 20.58 -5.12 25.87
C TRP A 45 19.14 -5.49 26.10
N TYR A 46 18.90 -6.41 27.04
CA TYR A 46 17.53 -6.83 27.35
C TYR A 46 16.76 -5.60 27.77
N ARG A 47 17.30 -4.91 28.78
CA ARG A 47 16.67 -3.73 29.34
C ARG A 47 16.31 -2.69 28.30
N VAL A 48 17.19 -2.40 27.34
CA VAL A 48 16.87 -1.36 26.37
C VAL A 48 15.61 -1.74 25.62
N THR A 49 15.44 -3.02 25.28
CA THR A 49 14.24 -3.41 24.55
C THR A 49 12.97 -3.34 25.40
N SER A 50 13.09 -3.60 26.70
CA SER A 50 11.92 -3.53 27.57
C SER A 50 11.51 -2.10 27.86
N ASP A 51 12.48 -1.26 28.17
CA ASP A 51 12.19 0.14 28.52
C ASP A 51 11.87 1.02 27.32
N GLY A 52 12.07 0.49 26.11
CA GLY A 52 11.81 1.21 24.89
C GLY A 52 10.60 0.66 24.16
N MET A 53 9.78 -0.06 24.90
CA MET A 53 8.65 -0.76 24.32
C MET A 53 8.99 -1.13 22.87
N LEU A 54 10.04 -1.92 22.69
CA LEU A 54 10.43 -2.30 21.34
C LEU A 54 9.53 -3.32 20.67
N TRP A 55 8.57 -3.88 21.39
CA TRP A 55 7.52 -4.62 20.71
C TRP A 55 6.43 -3.69 20.28
N LYS A 56 5.74 -3.05 21.22
CA LYS A 56 4.88 -1.94 20.88
C LYS A 56 5.42 -1.23 19.65
N LYS A 57 6.63 -0.66 19.76
CA LYS A 57 7.27 0.08 18.64
C LYS A 57 7.43 -0.70 17.33
N LEU A 58 7.79 -1.97 17.42
CA LEU A 58 7.81 -2.81 16.23
C LEU A 58 6.43 -3.24 15.72
N ILE A 59 5.43 -3.39 16.59
CA ILE A 59 4.07 -3.71 16.11
C ILE A 59 3.37 -2.47 15.53
N GLU A 60 3.66 -1.30 16.04
CA GLU A 60 3.19 -0.05 15.46
C GLU A 60 3.86 0.36 14.16
N ARG A 61 4.97 -0.27 13.81
CA ARG A 61 5.61 -0.03 12.52
C ARG A 61 5.00 -1.01 11.51
N MET A 62 4.56 -2.16 12.00
CA MET A 62 3.85 -3.13 11.19
C MET A 62 2.54 -2.54 10.64
N VAL A 63 1.62 -2.23 11.55
CA VAL A 63 0.42 -1.46 11.26
C VAL A 63 0.67 -0.25 10.32
N ARG A 64 1.58 0.66 10.67
CA ARG A 64 1.90 1.81 9.79
C ARG A 64 2.28 1.45 8.38
N THR A 65 2.41 0.16 8.09
CA THR A 65 2.62 -0.31 6.72
C THR A 65 1.76 -1.51 6.35
N ASP A 66 2.30 -2.72 6.41
CA ASP A 66 1.63 -3.93 5.87
C ASP A 66 0.10 -3.96 6.09
N SER A 67 -0.60 -3.62 5.00
CA SER A 67 -2.05 -3.71 4.83
C SER A 67 -2.76 -4.64 5.81
N LEU A 68 -2.26 -5.86 5.91
CA LEU A 68 -2.79 -6.91 6.77
C LEU A 68 -2.75 -6.55 8.25
N TRP A 69 -1.66 -5.90 8.65
CA TRP A 69 -1.45 -5.52 10.03
C TRP A 69 -2.35 -4.35 10.45
N ARG A 70 -2.49 -3.33 9.59
CA ARG A 70 -3.46 -2.24 9.84
C ARG A 70 -4.82 -2.84 10.07
N GLY A 71 -5.08 -3.92 9.33
CA GLY A 71 -6.34 -4.62 9.31
C GLY A 71 -6.69 -5.26 10.62
N LEU A 72 -5.94 -6.28 11.00
CA LEU A 72 -6.21 -7.02 12.22
C LEU A 72 -6.24 -6.15 13.47
N ALA A 73 -5.60 -5.00 13.38
CA ALA A 73 -5.61 -3.97 14.40
C ALA A 73 -6.95 -3.31 14.49
N GLU A 74 -7.51 -2.97 13.31
CA GLU A 74 -8.81 -2.32 13.20
C GLU A 74 -9.90 -3.28 13.65
N ARG A 75 -9.85 -4.51 13.12
CA ARG A 75 -10.79 -5.53 13.50
C ARG A 75 -10.40 -6.06 14.87
N ARG A 76 -11.15 -7.04 15.37
CA ARG A 76 -10.78 -7.80 16.59
C ARG A 76 -9.80 -7.07 17.50
N GLY A 77 -10.33 -6.12 18.26
CA GLY A 77 -9.69 -5.54 19.43
C GLY A 77 -8.30 -4.93 19.34
N TRP A 78 -7.30 -5.76 19.63
CA TRP A 78 -5.94 -5.36 20.04
C TRP A 78 -5.30 -4.04 19.58
N GLY A 79 -5.62 -3.59 18.37
CA GLY A 79 -5.18 -2.28 17.91
C GLY A 79 -5.63 -1.19 18.87
N GLN A 80 -6.41 -1.62 19.86
CA GLN A 80 -6.98 -0.78 20.91
C GLN A 80 -5.88 -0.10 21.73
N TYR A 81 -4.75 -0.79 21.84
CA TYR A 81 -3.70 -0.43 22.79
C TYR A 81 -2.58 0.41 22.18
N LEU A 82 -2.55 0.50 20.85
CA LEU A 82 -1.49 1.22 20.16
C LEU A 82 -1.61 2.74 20.22
N PHE A 83 -0.62 3.43 19.67
CA PHE A 83 -0.58 4.89 19.50
C PHE A 83 -1.32 5.69 20.59
N PRO A 93 -0.41 -2.19 28.77
CA PRO A 93 0.86 -1.47 28.60
C PRO A 93 2.00 -1.91 29.57
N PRO A 94 2.46 -3.18 29.50
CA PRO A 94 3.67 -3.61 30.23
C PRO A 94 4.92 -3.74 29.36
N ASN A 95 4.71 -3.97 28.06
CA ASN A 95 5.72 -4.39 27.09
C ASN A 95 5.74 -5.89 26.81
N SER A 96 5.41 -6.70 27.81
CA SER A 96 5.35 -8.14 27.56
C SER A 96 4.07 -8.49 26.81
N PHE A 97 2.96 -7.86 27.21
CA PHE A 97 1.71 -8.05 26.50
C PHE A 97 2.01 -7.98 25.00
N TYR A 98 2.86 -7.03 24.63
CA TYR A 98 3.30 -6.83 23.28
C TYR A 98 4.11 -8.01 22.75
N ARG A 99 5.26 -8.29 23.32
CA ARG A 99 6.04 -9.44 22.86
C ARG A 99 5.21 -10.74 22.80
N ALA A 100 4.26 -10.91 23.72
CA ALA A 100 3.50 -12.16 23.83
C ALA A 100 2.45 -12.25 22.74
N LEU A 101 2.09 -11.09 22.22
CA LEU A 101 1.02 -10.93 21.25
C LEU A 101 1.55 -11.19 19.85
N TYR A 102 2.79 -10.76 19.61
CA TYR A 102 3.41 -10.91 18.28
C TYR A 102 3.21 -12.32 17.65
N PRO A 103 3.53 -13.41 18.36
CA PRO A 103 3.35 -14.75 17.79
C PRO A 103 1.88 -15.04 17.39
N LYS A 104 0.92 -14.48 18.12
CA LYS A 104 -0.49 -14.69 17.85
C LYS A 104 -0.93 -13.94 16.57
N ILE A 105 -0.42 -12.73 16.39
CA ILE A 105 -0.63 -11.97 15.16
C ILE A 105 0.04 -12.69 14.03
N ILE A 106 1.17 -13.33 14.25
CA ILE A 106 1.74 -14.15 13.18
C ILE A 106 0.82 -15.32 12.86
N GLN A 107 0.46 -16.11 13.89
CA GLN A 107 -0.42 -17.28 13.72
C GLN A 107 -1.74 -16.94 13.02
N ASP A 108 -2.24 -15.74 13.31
CA ASP A 108 -3.42 -15.20 12.66
C ASP A 108 -3.17 -15.15 11.16
N ILE A 109 -2.30 -14.23 10.77
CA ILE A 109 -1.90 -14.07 9.39
C ILE A 109 -1.68 -15.40 8.67
N GLU A 110 -1.23 -16.41 9.40
CA GLU A 110 -0.93 -17.72 8.83
C GLU A 110 -2.18 -18.55 8.62
N THR A 111 -3.16 -18.37 9.51
CA THR A 111 -4.43 -19.09 9.43
C THR A 111 -5.38 -18.42 8.44
N ILE A 112 -5.38 -17.08 8.40
CA ILE A 112 -6.09 -16.35 7.36
C ILE A 112 -5.54 -16.79 6.01
N GLU A 113 -4.34 -16.32 5.67
CA GLU A 113 -3.70 -16.70 4.42
C GLU A 113 -3.79 -18.22 4.17
N SER A 114 -4.05 -19.00 5.23
CA SER A 114 -4.33 -20.42 5.05
C SER A 114 -5.78 -20.65 4.63
N ASN A 115 -6.69 -20.79 5.59
CA ASN A 115 -8.10 -21.09 5.29
C ASN A 115 -8.68 -20.22 4.17
N TRP A 116 -7.96 -19.16 3.83
CA TRP A 116 -8.37 -18.20 2.82
C TRP A 116 -7.84 -18.62 1.45
N ARG A 117 -7.05 -19.70 1.45
CA ARG A 117 -6.55 -20.33 0.23
C ARG A 117 -7.19 -21.70 0.03
N CYS A 118 -8.20 -22.02 0.83
CA CYS A 118 -8.96 -23.27 0.70
C CYS A 118 -10.45 -23.10 0.93
N GLY A 119 -10.81 -22.37 1.97
CA GLY A 119 -12.21 -22.23 2.36
C GLY A 119 -12.41 -21.39 3.62
N ARG A 120 -12.75 -20.13 3.41
CA ARG A 120 -13.01 -19.20 4.50
C ARG A 120 -14.35 -18.56 4.16
N HIS A 121 -15.42 -19.31 4.30
CA HIS A 121 -16.69 -18.83 3.80
C HIS A 121 -17.48 -18.13 4.90
N SER A 122 -18.45 -17.32 4.48
CA SER A 122 -19.41 -16.69 5.39
C SER A 122 -20.59 -16.18 4.57
N LEU A 123 -20.30 -15.92 3.30
CA LEU A 123 -21.28 -15.52 2.30
C LEU A 123 -22.16 -14.36 2.74
N GLN A 124 -22.98 -14.57 3.78
CA GLN A 124 -24.02 -13.60 4.14
C GLN A 124 -24.76 -13.08 2.87
N ARG A 125 -25.68 -13.87 2.35
CA ARG A 125 -26.46 -13.48 1.18
C ARG A 125 -27.20 -12.20 1.50
N ILE A 126 -27.06 -11.22 0.62
CA ILE A 126 -28.01 -10.12 0.55
C ILE A 126 -28.87 -10.32 -0.69
N HIS A 127 -30.15 -10.58 -0.46
CA HIS A 127 -31.11 -10.61 -1.54
C HIS A 127 -31.71 -9.20 -1.67
N CYS A 128 -31.55 -8.57 -2.84
CA CYS A 128 -32.30 -7.38 -3.20
C CYS A 128 -33.49 -7.85 -4.07
N ARG A 129 -34.42 -6.97 -4.43
CA ARG A 129 -35.69 -7.48 -5.00
C ARG A 129 -36.21 -6.79 -6.27
N SER A 130 -37.31 -6.03 -6.14
CA SER A 130 -37.89 -5.16 -7.20
C SER A 130 -38.54 -5.84 -8.43
N GLU A 131 -39.21 -5.04 -9.26
CA GLU A 131 -39.80 -5.49 -10.54
C GLU A 131 -38.72 -5.84 -11.57
N THR A 132 -38.88 -5.35 -12.79
CA THR A 132 -37.82 -5.29 -13.82
C THR A 132 -36.67 -6.29 -13.69
N SER A 133 -35.62 -5.83 -13.03
CA SER A 133 -34.31 -6.43 -13.05
C SER A 133 -34.19 -7.82 -12.44
N LYS A 134 -32.94 -8.22 -12.34
CA LYS A 134 -32.44 -9.24 -11.44
C LYS A 134 -30.95 -9.10 -11.68
N GLY A 135 -30.40 -7.98 -11.18
CA GLY A 135 -28.99 -7.68 -11.36
C GLY A 135 -28.43 -6.52 -10.57
N VAL A 136 -27.30 -6.79 -9.93
CA VAL A 136 -26.54 -5.80 -9.19
C VAL A 136 -25.28 -5.62 -10.03
N TYR A 137 -25.17 -4.53 -10.80
CA TYR A 137 -24.08 -4.40 -11.78
C TYR A 137 -22.71 -4.02 -11.14
N CYS A 138 -22.74 -3.00 -10.31
CA CYS A 138 -21.57 -2.46 -9.69
C CYS A 138 -21.81 -2.44 -8.20
N LEU A 139 -20.71 -2.43 -7.45
CA LEU A 139 -20.74 -2.36 -6.01
C LEU A 139 -19.42 -1.80 -5.50
N GLN A 140 -19.50 -1.08 -4.39
CA GLN A 140 -18.35 -0.42 -3.79
C GLN A 140 -18.54 -0.43 -2.30
N TYR A 141 -17.45 -0.67 -1.60
CA TYR A 141 -17.56 -1.39 -0.34
C TYR A 141 -16.71 -0.79 0.79
N ASP A 142 -16.99 -1.25 2.01
CA ASP A 142 -16.74 -0.44 3.19
C ASP A 142 -16.77 -1.19 4.50
N ASP A 143 -16.33 -0.49 5.53
CA ASP A 143 -16.28 -1.01 6.88
C ASP A 143 -17.65 -0.97 7.56
N GLN A 144 -18.60 -0.25 6.95
CA GLN A 144 -19.96 -0.19 7.49
C GLN A 144 -21.11 0.15 6.51
N LYS A 145 -20.82 0.10 5.20
CA LYS A 145 -21.86 0.22 4.15
C LYS A 145 -21.41 -0.38 2.85
N ILE A 146 -22.39 -0.72 1.99
CA ILE A 146 -22.14 -1.15 0.61
C ILE A 146 -22.98 -0.29 -0.33
N VAL A 147 -22.33 0.42 -1.25
CA VAL A 147 -23.04 1.18 -2.29
C VAL A 147 -23.22 0.35 -3.59
N SER A 148 -24.45 -0.09 -3.88
CA SER A 148 -24.74 -0.99 -5.01
C SER A 148 -25.70 -0.43 -6.09
N GLY A 149 -25.27 -0.56 -7.33
CA GLY A 149 -26.06 -0.13 -8.48
C GLY A 149 -26.85 -1.29 -9.02
N LEU A 150 -28.14 -1.29 -8.70
CA LEU A 150 -29.03 -2.33 -9.19
C LEU A 150 -29.37 -2.15 -10.68
N ARG A 151 -30.12 -3.10 -11.24
CA ARG A 151 -30.56 -3.04 -12.62
C ARG A 151 -31.99 -2.47 -12.68
N ASP A 152 -32.62 -2.43 -11.49
CA ASP A 152 -33.92 -1.80 -11.29
C ASP A 152 -33.86 -0.29 -11.48
N ASN A 153 -32.66 0.27 -11.57
CA ASN A 153 -32.43 1.68 -11.85
C ASN A 153 -32.07 2.48 -10.61
N THR A 154 -32.08 1.82 -9.45
CA THR A 154 -31.78 2.47 -8.18
C THR A 154 -30.40 2.07 -7.69
N ILE A 155 -29.80 2.91 -6.85
CA ILE A 155 -28.64 2.50 -6.07
C ILE A 155 -29.13 2.17 -4.66
N LYS A 156 -28.86 0.94 -4.21
CA LYS A 156 -29.22 0.48 -2.86
C LYS A 156 -28.00 0.43 -1.95
N ILE A 157 -28.15 0.98 -0.74
CA ILE A 157 -27.06 1.07 0.22
C ILE A 157 -27.32 0.19 1.43
N TRP A 158 -26.43 -0.78 1.63
CA TRP A 158 -26.63 -1.78 2.68
C TRP A 158 -25.78 -1.51 3.91
N ASP A 159 -26.40 -1.60 5.08
CA ASP A 159 -25.67 -1.65 6.33
C ASP A 159 -24.78 -2.89 6.30
N LYS A 160 -23.49 -2.74 6.63
CA LYS A 160 -22.55 -3.86 6.53
C LYS A 160 -22.73 -4.95 7.60
N ASN A 161 -23.40 -4.61 8.69
CA ASN A 161 -23.47 -5.53 9.82
C ASN A 161 -24.70 -6.46 9.82
N THR A 162 -25.91 -5.93 10.07
CA THR A 162 -27.13 -6.75 9.96
C THR A 162 -27.70 -6.68 8.55
N LEU A 163 -26.92 -6.13 7.64
CA LEU A 163 -27.17 -6.19 6.19
C LEU A 163 -28.43 -5.53 5.66
N GLU A 164 -29.16 -4.80 6.51
CA GLU A 164 -30.39 -4.14 6.09
C GLU A 164 -30.13 -3.03 5.07
N CYS A 165 -31.20 -2.50 4.47
CA CYS A 165 -31.09 -1.47 3.44
C CYS A 165 -31.24 -0.04 3.94
N LYS A 166 -30.17 0.73 3.86
CA LYS A 166 -30.10 2.07 4.45
C LYS A 166 -30.76 3.12 3.52
N ARG A 167 -30.46 3.09 2.23
CA ARG A 167 -30.99 4.13 1.35
C ARG A 167 -31.16 3.64 -0.09
N ILE A 168 -32.37 3.83 -0.60
CA ILE A 168 -32.68 3.59 -1.99
C ILE A 168 -32.69 4.95 -2.68
N LEU A 169 -31.57 5.21 -3.37
CA LEU A 169 -31.36 6.37 -4.22
C LEU A 169 -31.92 6.12 -5.63
N THR A 170 -32.35 7.20 -6.29
CA THR A 170 -33.35 7.10 -7.34
C THR A 170 -33.30 8.28 -8.33
N GLY A 171 -33.57 8.03 -9.59
CA GLY A 171 -33.63 9.13 -10.54
C GLY A 171 -32.70 8.91 -11.69
N HIS A 172 -32.73 7.68 -12.18
CA HIS A 172 -31.86 7.25 -13.25
C HIS A 172 -32.80 6.49 -14.13
N THR A 173 -32.67 6.69 -15.43
CA THR A 173 -33.54 6.08 -16.44
C THR A 173 -33.14 4.62 -16.63
N GLY A 174 -31.86 4.34 -16.65
CA GLY A 174 -31.42 3.01 -17.01
C GLY A 174 -30.93 2.24 -15.82
N SER A 175 -30.38 1.06 -16.06
CA SER A 175 -29.75 0.33 -14.98
C SER A 175 -28.53 1.15 -14.62
N VAL A 176 -28.22 1.22 -13.33
CA VAL A 176 -26.96 1.79 -12.84
C VAL A 176 -25.87 0.80 -13.21
N LEU A 177 -24.98 1.19 -14.12
CA LEU A 177 -23.97 0.28 -14.66
C LEU A 177 -22.63 0.31 -13.95
N CYS A 178 -22.24 1.48 -13.45
CA CYS A 178 -20.96 1.69 -12.79
C CYS A 178 -21.04 2.78 -11.68
N LEU A 179 -20.20 2.70 -10.64
CA LEU A 179 -20.25 3.66 -9.53
C LEU A 179 -18.94 3.79 -8.75
N GLN A 180 -18.80 4.90 -8.01
CA GLN A 180 -17.63 5.19 -7.15
C GLN A 180 -18.06 5.91 -5.86
N TYR A 181 -17.61 5.38 -4.72
CA TYR A 181 -17.79 5.99 -3.40
C TYR A 181 -17.35 7.43 -3.33
N ASP A 182 -16.14 7.65 -2.78
CA ASP A 182 -15.61 8.95 -2.31
C ASP A 182 -16.15 9.28 -0.91
N GLU A 183 -15.47 10.19 -0.21
CA GLU A 183 -15.96 10.74 1.07
C GLU A 183 -16.60 12.09 0.82
N ARG A 184 -17.60 12.14 -0.07
CA ARG A 184 -18.34 13.36 -0.34
C ARG A 184 -19.50 13.07 -1.29
N VAL A 185 -19.24 12.28 -2.33
CA VAL A 185 -20.19 12.12 -3.42
C VAL A 185 -20.13 10.76 -4.08
N ILE A 186 -21.24 10.02 -4.08
CA ILE A 186 -21.39 8.84 -4.95
C ILE A 186 -21.50 9.35 -6.39
N ILE A 187 -20.80 8.70 -7.32
CA ILE A 187 -20.96 8.94 -8.76
C ILE A 187 -21.32 7.60 -9.45
N THR A 188 -22.29 7.67 -10.36
CA THR A 188 -22.74 6.51 -11.13
C THR A 188 -22.82 6.85 -12.62
N GLY A 189 -22.59 5.83 -13.44
CA GLY A 189 -22.86 5.90 -14.87
C GLY A 189 -23.96 4.89 -15.15
N SER A 190 -24.82 5.17 -16.12
CA SER A 190 -26.00 4.33 -16.37
C SER A 190 -26.29 3.99 -17.86
N SER A 191 -27.22 3.05 -18.06
CA SER A 191 -27.77 2.76 -19.37
C SER A 191 -28.37 4.00 -20.00
N ASP A 192 -28.74 5.00 -19.20
CA ASP A 192 -29.35 6.21 -19.74
C ASP A 192 -28.40 7.29 -20.31
N SER A 193 -27.12 6.94 -20.51
CA SER A 193 -26.13 7.83 -21.15
C SER A 193 -25.69 8.98 -20.25
N THR A 194 -26.06 8.93 -18.97
CA THR A 194 -25.70 10.01 -18.04
C THR A 194 -24.71 9.56 -16.97
N VAL A 195 -24.01 10.53 -16.38
CA VAL A 195 -23.28 10.30 -15.12
C VAL A 195 -23.86 11.18 -14.02
N ARG A 196 -23.91 10.65 -12.79
CA ARG A 196 -24.61 11.32 -11.70
C ARG A 196 -23.73 11.62 -10.51
N VAL A 197 -24.11 12.62 -9.75
CA VAL A 197 -23.38 12.95 -8.55
C VAL A 197 -24.42 12.88 -7.45
N TRP A 198 -24.13 12.09 -6.42
CA TRP A 198 -25.00 11.93 -5.27
C TRP A 198 -24.20 12.17 -4.02
N ASP A 199 -24.73 12.98 -3.11
CA ASP A 199 -24.14 13.16 -1.79
C ASP A 199 -24.14 11.82 -1.07
N VAL A 200 -22.96 11.41 -0.60
CA VAL A 200 -22.77 10.08 0.02
C VAL A 200 -23.48 9.94 1.39
N ASN A 201 -23.68 11.06 2.09
CA ASN A 201 -24.39 11.02 3.36
C ASN A 201 -25.87 10.77 3.12
N THR A 202 -26.50 11.65 2.35
CA THR A 202 -27.93 11.59 2.09
C THR A 202 -28.24 10.64 0.93
N GLY A 203 -29.02 11.13 -0.03
CA GLY A 203 -29.20 10.48 -1.32
C GLY A 203 -29.39 11.49 -2.44
N GLU A 204 -28.92 12.71 -2.18
CA GLU A 204 -29.28 13.87 -2.97
C GLU A 204 -28.44 14.02 -4.21
N MET A 205 -29.10 14.06 -5.36
CA MET A 205 -28.45 14.31 -6.64
C MET A 205 -27.83 15.71 -6.58
N LEU A 206 -26.52 15.84 -6.83
CA LEU A 206 -25.88 17.15 -7.02
C LEU A 206 -25.91 17.56 -8.49
N ASN A 207 -24.96 17.08 -9.29
CA ASN A 207 -24.90 17.40 -10.71
C ASN A 207 -25.29 16.18 -11.56
N THR A 208 -25.74 16.44 -12.79
CA THR A 208 -25.95 15.38 -13.76
C THR A 208 -25.46 15.79 -15.18
N LEU A 209 -24.48 15.05 -15.68
CA LEU A 209 -23.80 15.35 -16.95
C LEU A 209 -24.43 14.71 -18.17
N ILE A 210 -24.78 15.53 -19.17
CA ILE A 210 -25.32 15.02 -20.42
C ILE A 210 -24.18 14.41 -21.25
N HIS A 211 -23.54 15.20 -22.12
CA HIS A 211 -22.33 14.75 -22.86
C HIS A 211 -22.28 13.42 -23.65
N HIS A 212 -22.37 12.27 -22.98
CA HIS A 212 -22.31 11.01 -23.74
C HIS A 212 -23.56 10.76 -24.56
N CYS A 213 -23.55 9.71 -25.37
CA CYS A 213 -24.77 9.38 -26.12
C CYS A 213 -25.01 7.89 -26.32
N GLU A 214 -24.88 7.15 -25.23
CA GLU A 214 -25.10 5.71 -25.19
C GLU A 214 -24.60 5.34 -23.80
N ALA A 215 -24.96 4.14 -23.32
CA ALA A 215 -24.72 3.71 -21.95
C ALA A 215 -23.37 4.14 -21.45
N VAL A 216 -23.34 4.96 -20.40
CA VAL A 216 -22.10 5.09 -19.67
C VAL A 216 -21.85 3.74 -19.01
N LEU A 217 -20.81 3.08 -19.49
CA LEU A 217 -20.55 1.71 -19.10
C LEU A 217 -19.68 1.69 -17.86
N HIS A 218 -18.63 2.51 -17.86
CA HIS A 218 -17.71 2.61 -16.72
C HIS A 218 -17.25 4.06 -16.44
N LEU A 219 -17.09 4.35 -15.16
CA LEU A 219 -16.34 5.54 -14.81
C LEU A 219 -15.32 5.16 -13.75
N ARG A 220 -14.18 5.83 -13.78
CA ARG A 220 -13.32 5.80 -12.61
C ARG A 220 -13.02 7.24 -12.19
N PHE A 221 -12.74 7.46 -10.92
CA PHE A 221 -13.06 8.75 -10.38
C PHE A 221 -11.94 9.53 -9.65
N ASN A 222 -11.53 9.12 -8.45
CA ASN A 222 -10.40 9.73 -7.70
C ASN A 222 -9.87 11.19 -7.93
N ASN A 223 -9.49 11.87 -6.84
CA ASN A 223 -8.90 13.23 -6.88
C ASN A 223 -9.72 14.25 -7.66
N GLY A 224 -9.01 15.23 -8.24
CA GLY A 224 -9.66 16.33 -8.94
C GLY A 224 -10.34 16.06 -10.28
N MET A 225 -10.09 14.90 -10.86
CA MET A 225 -10.59 14.60 -12.19
C MET A 225 -11.30 13.26 -12.29
N MET A 226 -12.29 13.18 -13.17
CA MET A 226 -12.98 11.94 -13.44
C MET A 226 -12.69 11.49 -14.86
N VAL A 227 -12.75 10.18 -15.06
CA VAL A 227 -12.60 9.57 -16.36
C VAL A 227 -13.83 8.73 -16.56
N THR A 228 -14.32 8.71 -17.79
CA THR A 228 -15.63 8.16 -18.08
C THR A 228 -15.63 7.62 -19.50
N CYS A 229 -16.45 6.61 -19.73
CA CYS A 229 -16.46 5.94 -21.04
C CYS A 229 -17.76 5.18 -21.34
N SER A 230 -17.96 4.81 -22.59
CA SER A 230 -19.33 4.50 -23.03
C SER A 230 -19.50 3.56 -24.24
N LYS A 231 -20.71 2.99 -24.39
CA LYS A 231 -21.06 2.20 -25.57
C LYS A 231 -20.80 2.99 -26.86
N ASP A 232 -20.85 4.32 -26.75
CA ASP A 232 -20.62 5.25 -27.85
C ASP A 232 -19.16 5.33 -28.30
N ARG A 233 -18.31 4.44 -27.77
CA ARG A 233 -16.92 4.22 -28.24
C ARG A 233 -15.87 5.18 -27.68
N SER A 234 -16.32 6.17 -26.91
CA SER A 234 -15.46 7.27 -26.46
C SER A 234 -15.09 7.19 -24.97
N ILE A 235 -14.07 7.98 -24.59
CA ILE A 235 -13.74 8.30 -23.20
C ILE A 235 -13.84 9.82 -23.05
N ALA A 236 -14.38 10.27 -21.93
CA ALA A 236 -14.36 11.69 -21.62
C ALA A 236 -13.54 11.89 -20.37
N VAL A 237 -12.66 12.90 -20.39
CA VAL A 237 -11.90 13.31 -19.19
C VAL A 237 -12.34 14.67 -18.68
N TRP A 238 -12.80 14.68 -17.43
CA TRP A 238 -13.35 15.85 -16.79
C TRP A 238 -12.44 16.19 -15.63
N ASP A 239 -11.96 17.42 -15.55
CA ASP A 239 -11.43 17.90 -14.26
C ASP A 239 -12.55 18.60 -13.50
N MET A 240 -12.88 18.06 -12.32
CA MET A 240 -13.96 18.53 -11.47
C MET A 240 -13.43 19.53 -10.49
N ALA A 241 -14.09 20.67 -10.36
CA ALA A 241 -13.70 21.65 -9.35
C ALA A 241 -14.58 21.56 -8.08
N SER A 242 -15.68 20.82 -8.21
CA SER A 242 -16.68 20.58 -7.17
C SER A 242 -17.75 19.68 -7.80
N PRO A 243 -18.60 19.04 -6.98
CA PRO A 243 -19.80 18.37 -7.49
C PRO A 243 -20.61 19.35 -8.34
N THR A 244 -20.75 20.57 -7.85
CA THR A 244 -21.43 21.65 -8.56
C THR A 244 -20.80 21.99 -9.93
N ASP A 245 -19.49 21.84 -10.06
CA ASP A 245 -18.77 22.25 -11.29
C ASP A 245 -18.62 21.14 -12.34
N ILE A 246 -17.42 20.59 -12.48
CA ILE A 246 -17.12 19.56 -13.49
C ILE A 246 -17.15 20.10 -14.92
N THR A 247 -15.96 20.17 -15.54
CA THR A 247 -15.84 20.58 -16.93
C THR A 247 -15.17 19.48 -17.73
N LEU A 248 -15.57 19.38 -19.01
CA LEU A 248 -14.97 18.44 -19.93
C LEU A 248 -13.60 18.97 -20.31
N ARG A 249 -12.56 18.24 -19.91
CA ARG A 249 -11.21 18.56 -20.34
C ARG A 249 -11.08 18.12 -21.79
N ARG A 250 -11.10 16.81 -22.04
CA ARG A 250 -11.31 16.34 -23.41
C ARG A 250 -11.94 14.96 -23.63
N VAL A 251 -12.00 14.58 -24.89
CA VAL A 251 -12.61 13.34 -25.34
C VAL A 251 -11.55 12.58 -26.09
N LEU A 252 -11.43 11.30 -25.74
CA LEU A 252 -10.45 10.44 -26.38
C LEU A 252 -11.12 9.48 -27.38
N VAL A 253 -10.74 9.60 -28.64
CA VAL A 253 -11.27 8.73 -29.67
C VAL A 253 -10.16 7.89 -30.29
N GLY A 254 -10.35 6.58 -30.24
CA GLY A 254 -9.43 5.65 -30.86
C GLY A 254 -9.93 4.23 -30.85
N HIS A 255 -10.84 3.94 -29.93
CA HIS A 255 -11.44 2.63 -29.85
C HIS A 255 -12.46 2.46 -30.98
N ARG A 256 -12.66 1.22 -31.42
CA ARG A 256 -13.53 0.91 -32.54
C ARG A 256 -14.83 0.29 -32.12
N ALA A 257 -15.03 0.15 -30.81
CA ALA A 257 -16.27 -0.41 -30.28
C ALA A 257 -16.44 0.08 -28.84
N ALA A 258 -17.44 -0.44 -28.12
CA ALA A 258 -17.76 -0.04 -26.75
C ALA A 258 -16.51 -0.04 -25.88
N VAL A 259 -16.34 1.01 -25.09
CA VAL A 259 -15.28 1.04 -24.11
C VAL A 259 -15.89 0.55 -22.79
N ASN A 260 -15.54 -0.68 -22.45
CA ASN A 260 -16.12 -1.34 -21.32
C ASN A 260 -15.52 -0.93 -19.96
N VAL A 261 -14.30 -0.42 -19.97
CA VAL A 261 -13.63 -0.22 -18.71
C VAL A 261 -12.63 0.88 -18.90
N VAL A 262 -12.55 1.71 -17.87
CA VAL A 262 -11.62 2.79 -17.83
C VAL A 262 -10.97 2.75 -16.44
N ASP A 263 -9.76 3.27 -16.29
CA ASP A 263 -9.08 3.32 -14.99
C ASP A 263 -7.84 4.20 -15.06
N PHE A 264 -7.23 4.41 -13.92
CA PHE A 264 -6.68 5.69 -13.61
C PHE A 264 -5.54 5.66 -12.58
N ASP A 265 -4.45 6.37 -12.89
CA ASP A 265 -3.46 6.80 -11.90
C ASP A 265 -2.69 8.03 -12.40
N ASP A 266 -2.02 8.74 -11.50
CA ASP A 266 -1.24 9.94 -11.83
C ASP A 266 -0.55 9.96 -13.21
N LYS A 267 0.01 8.84 -13.66
CA LYS A 267 0.77 8.81 -14.90
C LYS A 267 0.13 8.25 -16.17
N TYR A 268 -0.99 7.52 -16.05
CA TYR A 268 -1.68 6.96 -17.21
C TYR A 268 -3.17 6.80 -16.97
N ILE A 269 -3.94 6.77 -18.08
CA ILE A 269 -5.36 6.46 -18.11
C ILE A 269 -5.49 5.25 -19.01
N VAL A 270 -6.01 4.13 -18.49
CA VAL A 270 -6.12 2.92 -19.30
C VAL A 270 -7.57 2.56 -19.55
N SER A 271 -7.89 2.30 -20.82
CA SER A 271 -9.24 1.94 -21.28
C SER A 271 -9.23 0.59 -21.96
N ALA A 272 -10.38 -0.04 -22.05
CA ALA A 272 -10.42 -1.27 -22.83
C ALA A 272 -11.79 -1.41 -23.49
N SER A 273 -11.81 -2.02 -24.67
CA SER A 273 -13.07 -2.19 -25.37
C SER A 273 -13.24 -3.58 -25.93
N GLY A 274 -14.36 -3.76 -26.61
CA GLY A 274 -14.71 -5.02 -27.23
C GLY A 274 -14.08 -5.07 -28.60
N ASP A 275 -13.23 -4.06 -28.86
CA ASP A 275 -12.37 -4.05 -30.02
C ASP A 275 -11.10 -4.85 -29.74
N ARG A 276 -11.09 -5.53 -28.60
CA ARG A 276 -9.99 -6.39 -28.19
C ARG A 276 -8.66 -5.67 -27.82
N THR A 277 -8.72 -4.37 -27.54
CA THR A 277 -7.50 -3.62 -27.15
C THR A 277 -7.64 -2.90 -25.79
N ILE A 278 -6.51 -2.82 -25.08
CA ILE A 278 -6.34 -1.87 -24.00
C ILE A 278 -5.45 -0.74 -24.46
N LYS A 279 -5.99 0.47 -24.50
CA LYS A 279 -5.23 1.66 -24.90
C LYS A 279 -4.79 2.45 -23.68
N VAL A 280 -3.56 2.97 -23.75
CA VAL A 280 -2.93 3.66 -22.63
C VAL A 280 -2.75 5.13 -23.00
N TRP A 281 -3.36 6.00 -22.19
CA TRP A 281 -3.32 7.43 -22.46
C TRP A 281 -2.52 8.15 -21.35
N ASN A 282 -1.76 9.19 -21.74
CA ASN A 282 -1.07 10.08 -20.81
C ASN A 282 -2.08 10.88 -19.98
N THR A 283 -2.07 10.68 -18.66
CA THR A 283 -3.02 11.36 -17.76
C THR A 283 -3.00 12.89 -17.83
N SER A 284 -1.91 13.45 -18.34
CA SER A 284 -1.78 14.90 -18.38
C SER A 284 -2.04 15.53 -19.75
N THR A 285 -1.56 14.88 -20.83
CA THR A 285 -1.76 15.40 -22.18
C THR A 285 -2.91 14.74 -22.91
N CYS A 286 -3.53 13.75 -22.27
CA CYS A 286 -4.58 12.98 -22.90
C CYS A 286 -4.23 12.55 -24.33
N GLU A 287 -3.02 12.07 -24.53
CA GLU A 287 -2.60 11.52 -25.81
C GLU A 287 -2.47 9.99 -25.70
N PHE A 288 -2.80 9.31 -26.80
CA PHE A 288 -2.36 7.94 -27.08
C PHE A 288 -0.91 7.77 -26.58
N VAL A 289 -0.59 6.65 -25.94
CA VAL A 289 0.82 6.22 -25.91
C VAL A 289 1.01 4.86 -26.58
N ARG A 290 0.15 3.91 -26.29
CA ARG A 290 0.37 2.54 -26.78
C ARG A 290 -0.94 1.89 -27.13
N THR A 291 -0.87 0.69 -27.70
CA THR A 291 -1.99 -0.26 -27.54
C THR A 291 -1.46 -1.54 -26.93
N LEU A 292 -2.16 -2.02 -25.94
CA LEU A 292 -1.96 -3.38 -25.50
C LEU A 292 -2.92 -4.27 -26.32
N ASN A 293 -2.35 -4.85 -27.38
CA ASN A 293 -3.04 -5.79 -28.23
C ASN A 293 -2.65 -7.19 -27.80
N GLY A 294 -3.54 -8.15 -27.99
CA GLY A 294 -3.26 -9.51 -27.58
C GLY A 294 -4.42 -10.35 -27.11
N HIS A 295 -5.45 -9.76 -26.48
CA HIS A 295 -6.62 -10.56 -26.15
C HIS A 295 -7.24 -10.93 -27.46
N LYS A 296 -7.73 -12.18 -27.55
CA LYS A 296 -8.32 -12.73 -28.78
C LYS A 296 -9.76 -12.28 -28.99
N ARG A 297 -10.38 -11.81 -27.92
CA ARG A 297 -11.77 -11.39 -27.94
C ARG A 297 -11.84 -10.12 -27.11
N GLY A 298 -13.04 -9.63 -26.84
CA GLY A 298 -13.19 -8.35 -26.16
C GLY A 298 -12.80 -8.32 -24.69
N ILE A 299 -12.38 -7.15 -24.20
CA ILE A 299 -12.08 -6.97 -22.77
C ILE A 299 -13.29 -6.49 -22.02
N ALA A 300 -13.60 -7.19 -20.94
CA ALA A 300 -14.73 -6.83 -20.11
C ALA A 300 -14.30 -6.06 -18.87
N CYS A 301 -13.01 -6.16 -18.47
CA CYS A 301 -12.56 -5.54 -17.18
C CYS A 301 -11.06 -5.36 -17.00
N LEU A 302 -10.65 -4.18 -16.55
CA LEU A 302 -9.27 -3.98 -16.10
C LEU A 302 -9.22 -3.61 -14.65
N GLN A 303 -8.02 -3.73 -14.11
CA GLN A 303 -7.61 -2.86 -13.04
C GLN A 303 -6.17 -2.45 -13.36
N TYR A 304 -5.78 -1.28 -12.86
CA TYR A 304 -4.44 -0.74 -13.11
C TYR A 304 -3.84 -0.03 -11.89
N ARG A 305 -2.71 -0.56 -11.43
CA ARG A 305 -2.02 -0.02 -10.25
C ARG A 305 -0.52 -0.02 -10.49
N ASP A 306 0.10 1.11 -10.17
CA ASP A 306 1.52 1.36 -10.46
C ASP A 306 1.96 0.86 -11.82
N ARG A 307 2.44 -0.38 -11.79
CA ARG A 307 3.17 -1.05 -12.85
C ARG A 307 2.20 -1.95 -13.67
N LEU A 308 1.08 -2.35 -13.07
CA LEU A 308 0.36 -3.54 -13.52
C LEU A 308 -0.99 -3.25 -14.13
N VAL A 309 -1.37 -4.07 -15.10
CA VAL A 309 -2.70 -3.96 -15.61
C VAL A 309 -3.17 -5.35 -15.93
N VAL A 310 -4.36 -5.65 -15.38
CA VAL A 310 -4.96 -6.98 -15.36
C VAL A 310 -6.33 -6.86 -16.02
N SER A 311 -6.60 -7.70 -17.02
CA SER A 311 -7.77 -7.56 -17.84
C SER A 311 -8.47 -8.87 -17.88
N GLY A 312 -9.79 -8.83 -18.05
CA GLY A 312 -10.59 -10.02 -18.20
C GLY A 312 -11.29 -10.02 -19.54
N SER A 313 -11.37 -11.18 -20.19
CA SER A 313 -11.85 -11.21 -21.57
C SER A 313 -12.99 -12.19 -21.91
N SER A 314 -13.71 -11.88 -22.99
CA SER A 314 -14.61 -12.82 -23.64
C SER A 314 -13.87 -14.05 -24.09
N ASP A 315 -12.55 -13.93 -24.28
CA ASP A 315 -11.75 -15.07 -24.71
C ASP A 315 -11.49 -16.00 -23.53
N ASN A 316 -12.00 -15.60 -22.36
CA ASN A 316 -11.95 -16.41 -21.13
C ASN A 316 -10.63 -16.42 -20.35
N THR A 317 -9.65 -15.64 -20.80
CA THR A 317 -8.39 -15.54 -20.09
C THR A 317 -8.29 -14.21 -19.38
N ILE A 318 -7.52 -14.20 -18.29
CA ILE A 318 -7.06 -12.99 -17.60
C ILE A 318 -5.64 -12.72 -18.08
N ARG A 319 -5.36 -11.52 -18.57
CA ARG A 319 -3.98 -11.19 -18.96
C ARG A 319 -3.34 -10.24 -17.96
N LEU A 320 -2.01 -10.35 -17.81
CA LEU A 320 -1.25 -9.49 -16.89
C LEU A 320 -0.20 -8.71 -17.66
N TRP A 321 -0.32 -7.38 -17.67
CA TRP A 321 0.52 -6.50 -18.51
C TRP A 321 1.48 -5.60 -17.74
N ASP A 322 2.63 -5.28 -18.34
CA ASP A 322 3.46 -4.19 -17.83
C ASP A 322 3.03 -2.93 -18.55
N ILE A 323 2.68 -1.90 -17.79
CA ILE A 323 2.14 -0.66 -18.37
C ILE A 323 3.17 0.07 -19.27
N GLU A 324 4.45 -0.02 -18.93
CA GLU A 324 5.48 0.75 -19.65
C GLU A 324 5.86 0.18 -21.06
N CYS A 325 6.51 -0.98 -21.12
CA CYS A 325 6.78 -1.64 -22.42
C CYS A 325 5.52 -2.20 -23.10
N GLY A 326 4.52 -2.52 -22.29
CA GLY A 326 3.24 -2.94 -22.82
C GLY A 326 3.23 -4.43 -23.09
N ALA A 327 4.25 -5.11 -22.59
CA ALA A 327 4.30 -6.55 -22.69
C ALA A 327 3.22 -7.22 -21.86
N CYS A 328 2.80 -8.41 -22.30
CA CYS A 328 2.02 -9.29 -21.45
C CYS A 328 2.97 -10.17 -20.67
N LEU A 329 2.75 -10.24 -19.36
CA LEU A 329 3.69 -10.91 -18.48
C LEU A 329 3.29 -12.35 -18.31
N ARG A 330 2.00 -12.63 -18.50
CA ARG A 330 1.41 -13.85 -18.00
C ARG A 330 -0.02 -13.97 -18.44
N VAL A 331 -0.36 -15.17 -18.94
CA VAL A 331 -1.74 -15.48 -19.30
C VAL A 331 -2.39 -16.43 -18.28
N LEU A 332 -3.56 -16.05 -17.77
CA LEU A 332 -4.27 -16.85 -16.77
C LEU A 332 -5.49 -17.53 -17.33
N GLU A 333 -5.39 -18.86 -17.41
CA GLU A 333 -6.48 -19.72 -17.89
C GLU A 333 -7.06 -20.46 -16.70
N GLY A 334 -8.30 -20.93 -16.83
CA GLY A 334 -9.01 -21.56 -15.73
C GLY A 334 -10.48 -21.19 -15.67
N HIS A 335 -10.80 -19.96 -16.02
CA HIS A 335 -12.19 -19.55 -16.14
C HIS A 335 -12.75 -20.22 -17.37
N GLU A 336 -13.87 -20.92 -17.19
CA GLU A 336 -14.57 -21.64 -18.26
C GLU A 336 -15.66 -20.79 -18.95
N GLU A 337 -15.72 -19.50 -18.63
CA GLU A 337 -16.64 -18.56 -19.27
C GLU A 337 -16.11 -17.11 -19.18
N LEU A 338 -16.85 -16.16 -19.76
CA LEU A 338 -16.46 -14.75 -19.85
C LEU A 338 -16.08 -14.19 -18.49
N VAL A 339 -14.95 -13.50 -18.44
CA VAL A 339 -14.47 -12.91 -17.20
C VAL A 339 -14.99 -11.48 -17.06
N ARG A 340 -16.04 -11.28 -16.25
CA ARG A 340 -16.73 -9.98 -16.22
C ARG A 340 -16.11 -8.95 -15.28
N CYS A 341 -15.38 -9.39 -14.28
CA CYS A 341 -14.82 -8.44 -13.32
C CYS A 341 -13.59 -9.02 -12.64
N ILE A 342 -12.72 -8.17 -12.10
CA ILE A 342 -11.39 -8.62 -11.67
C ILE A 342 -10.71 -7.57 -10.78
N ARG A 343 -9.96 -8.01 -9.78
CA ARG A 343 -9.21 -7.06 -8.97
C ARG A 343 -7.87 -7.61 -8.48
N PHE A 344 -6.84 -6.78 -8.55
CA PHE A 344 -5.49 -7.03 -8.02
C PHE A 344 -5.52 -7.07 -6.52
N ASP A 345 -4.52 -6.38 -5.98
CA ASP A 345 -4.13 -6.33 -4.59
C ASP A 345 -2.69 -6.84 -4.43
N ASN A 346 -2.07 -6.47 -3.31
CA ASN A 346 -0.67 -6.83 -3.01
C ASN A 346 -0.30 -8.27 -3.35
N LYS A 347 -1.19 -9.20 -3.02
CA LYS A 347 -0.91 -10.63 -3.06
C LYS A 347 -1.81 -11.55 -3.91
N ARG A 348 -2.88 -10.98 -4.52
CA ARG A 348 -3.93 -11.76 -5.24
C ARG A 348 -4.67 -11.10 -6.44
N ILE A 349 -5.37 -11.91 -7.22
CA ILE A 349 -6.22 -11.43 -8.30
C ILE A 349 -7.53 -12.14 -8.08
N VAL A 350 -8.64 -11.43 -7.91
CA VAL A 350 -9.91 -12.11 -7.76
C VAL A 350 -10.79 -11.75 -8.93
N SER A 351 -11.35 -12.76 -9.59
CA SER A 351 -12.09 -12.52 -10.82
C SER A 351 -13.46 -13.20 -10.76
N GLY A 352 -14.39 -12.67 -11.56
CA GLY A 352 -15.75 -13.13 -11.56
C GLY A 352 -16.17 -13.40 -12.98
N ALA A 353 -16.80 -14.54 -13.18
CA ALA A 353 -17.01 -15.02 -14.53
C ALA A 353 -18.49 -15.01 -14.82
N TYR A 354 -18.87 -15.53 -16.00
CA TYR A 354 -20.28 -15.64 -16.38
C TYR A 354 -21.05 -16.76 -15.71
N ASP A 355 -20.43 -17.90 -15.51
CA ASP A 355 -21.10 -18.95 -14.78
C ASP A 355 -21.06 -18.70 -13.28
N GLY A 356 -21.01 -17.43 -12.89
CA GLY A 356 -21.14 -17.06 -11.49
C GLY A 356 -20.06 -17.57 -10.57
N LYS A 357 -19.01 -18.17 -11.12
CA LYS A 357 -17.87 -18.66 -10.34
C LYS A 357 -16.81 -17.54 -10.17
N ILE A 358 -16.20 -17.45 -8.99
CA ILE A 358 -15.16 -16.46 -8.73
C ILE A 358 -13.88 -17.22 -8.46
N LYS A 359 -12.77 -16.79 -9.06
CA LYS A 359 -11.51 -17.52 -8.92
C LYS A 359 -10.45 -16.66 -8.24
N VAL A 360 -9.64 -17.29 -7.40
CA VAL A 360 -8.59 -16.58 -6.67
C VAL A 360 -7.24 -17.01 -7.21
N TRP A 361 -6.44 -16.02 -7.59
CA TRP A 361 -5.19 -16.32 -8.25
C TRP A 361 -4.06 -15.82 -7.38
N ASP A 362 -2.96 -16.56 -7.36
CA ASP A 362 -1.75 -16.14 -6.66
C ASP A 362 -1.07 -15.11 -7.53
N LEU A 363 -1.23 -13.83 -7.19
CA LEU A 363 -0.65 -12.80 -8.04
C LEU A 363 0.87 -12.91 -8.11
N VAL A 364 1.50 -12.99 -6.94
CA VAL A 364 2.97 -13.05 -6.85
C VAL A 364 3.59 -14.25 -7.57
N ALA A 365 2.90 -15.39 -7.55
CA ALA A 365 3.32 -16.56 -8.31
C ALA A 365 3.23 -16.28 -9.81
N ALA A 366 2.06 -15.78 -10.23
CA ALA A 366 1.77 -15.46 -11.62
C ALA A 366 2.79 -14.52 -12.29
N LEU A 367 3.27 -13.54 -11.52
CA LEU A 367 4.26 -12.56 -12.00
C LEU A 367 5.68 -13.12 -12.15
N ASP A 368 5.83 -14.40 -11.83
CA ASP A 368 7.10 -15.09 -11.98
C ASP A 368 6.91 -16.28 -12.94
N PRO A 369 7.58 -16.25 -14.09
CA PRO A 369 7.31 -17.23 -15.16
C PRO A 369 7.70 -18.65 -14.77
N ARG A 370 8.52 -18.79 -13.72
CA ARG A 370 8.98 -20.09 -13.23
C ARG A 370 7.81 -20.90 -12.67
N ALA A 371 6.76 -20.19 -12.26
CA ALA A 371 5.59 -20.83 -11.70
C ALA A 371 4.72 -21.37 -12.84
N PRO A 372 4.35 -22.64 -12.73
CA PRO A 372 3.62 -23.33 -13.81
C PRO A 372 2.16 -22.96 -13.83
N ALA A 373 1.58 -22.97 -15.04
CA ALA A 373 0.19 -22.60 -15.30
C ALA A 373 -0.83 -23.15 -14.28
N GLY A 374 -0.89 -24.48 -14.16
CA GLY A 374 -1.88 -25.18 -13.34
C GLY A 374 -2.07 -24.75 -11.90
N THR A 375 -0.96 -24.54 -11.18
CA THR A 375 -0.99 -24.04 -9.80
C THR A 375 -0.77 -22.53 -9.76
N LEU A 376 -1.74 -21.78 -10.27
CA LEU A 376 -1.76 -20.33 -10.14
C LEU A 376 -3.11 -19.99 -9.59
N CYS A 377 -4.06 -20.89 -9.82
CA CYS A 377 -5.42 -20.69 -9.32
C CYS A 377 -5.53 -21.34 -7.96
N LEU A 378 -5.54 -20.50 -6.93
CA LEU A 378 -5.79 -20.95 -5.58
C LEU A 378 -7.25 -21.29 -5.56
N ARG A 379 -7.66 -22.21 -4.69
CA ARG A 379 -9.06 -22.67 -4.62
C ARG A 379 -10.22 -21.74 -5.15
N THR A 380 -11.18 -22.35 -5.86
CA THR A 380 -12.18 -21.61 -6.65
C THR A 380 -13.64 -21.66 -6.12
N LEU A 381 -14.28 -20.49 -6.08
CA LEU A 381 -15.41 -20.25 -5.19
C LEU A 381 -16.72 -20.12 -5.91
N VAL A 382 -17.70 -20.93 -5.52
CA VAL A 382 -18.88 -21.08 -6.37
C VAL A 382 -20.18 -20.89 -5.59
N GLU A 383 -20.59 -19.65 -5.35
CA GLU A 383 -21.87 -19.45 -4.68
C GLU A 383 -22.83 -18.45 -5.38
N HIS A 384 -22.90 -18.48 -6.71
CA HIS A 384 -23.82 -17.61 -7.46
C HIS A 384 -24.64 -18.34 -8.49
N SER A 385 -25.90 -17.93 -8.65
CA SER A 385 -26.81 -18.50 -9.68
C SER A 385 -26.52 -17.91 -11.06
N GLY A 386 -26.36 -16.59 -11.13
CA GLY A 386 -26.02 -15.92 -12.38
C GLY A 386 -24.68 -15.21 -12.47
N ARG A 387 -24.52 -14.50 -13.58
CA ARG A 387 -23.32 -13.76 -13.95
C ARG A 387 -22.75 -12.92 -12.80
N VAL A 388 -21.42 -12.95 -12.64
CA VAL A 388 -20.76 -12.12 -11.63
C VAL A 388 -20.39 -10.82 -12.29
N PHE A 389 -21.03 -9.75 -11.85
CA PHE A 389 -20.88 -8.43 -12.47
C PHE A 389 -19.71 -7.64 -11.88
N ARG A 390 -19.56 -7.61 -10.56
CA ARG A 390 -18.53 -6.80 -9.93
C ARG A 390 -18.04 -7.38 -8.61
N LEU A 391 -16.77 -7.16 -8.26
CA LEU A 391 -16.27 -7.43 -6.90
C LEU A 391 -15.26 -6.38 -6.41
N GLN A 392 -15.14 -6.17 -5.10
CA GLN A 392 -14.02 -5.42 -4.51
C GLN A 392 -13.69 -6.08 -3.20
N PHE A 393 -12.41 -6.42 -3.00
CA PHE A 393 -11.96 -7.14 -1.80
C PHE A 393 -10.86 -6.46 -1.00
N ASP A 394 -10.28 -7.21 -0.07
CA ASP A 394 -9.20 -6.68 0.73
C ASP A 394 -8.42 -7.81 1.39
N GLU A 395 -7.76 -7.50 2.48
CA GLU A 395 -7.01 -8.46 3.25
C GLU A 395 -7.83 -9.67 3.70
N PHE A 396 -9.11 -9.49 4.00
CA PHE A 396 -9.87 -10.59 4.58
C PHE A 396 -11.30 -10.80 4.07
N GLN A 397 -11.62 -10.27 2.90
CA GLN A 397 -13.02 -10.23 2.45
C GLN A 397 -13.16 -10.07 0.96
N ILE A 398 -14.01 -10.87 0.33
CA ILE A 398 -14.49 -10.54 -0.99
C ILE A 398 -15.95 -10.19 -0.84
N VAL A 399 -16.41 -9.22 -1.61
CA VAL A 399 -17.81 -8.82 -1.59
C VAL A 399 -18.30 -8.52 -3.01
N SER A 400 -19.17 -9.41 -3.50
CA SER A 400 -19.49 -9.56 -4.91
C SER A 400 -20.95 -9.34 -5.24
N SER A 401 -21.18 -8.73 -6.40
CA SER A 401 -22.49 -8.60 -7.04
C SER A 401 -22.61 -9.77 -7.97
N SER A 402 -23.79 -9.89 -8.59
CA SER A 402 -24.06 -10.86 -9.64
C SER A 402 -25.46 -10.63 -10.22
N HIS A 403 -25.73 -11.28 -11.37
CA HIS A 403 -27.07 -11.32 -11.97
C HIS A 403 -28.06 -11.61 -10.84
N ASP A 404 -28.34 -12.89 -10.55
CA ASP A 404 -29.23 -13.33 -9.43
C ASP A 404 -29.23 -12.34 -8.28
N ASP A 405 -30.25 -11.46 -8.18
CA ASP A 405 -29.92 -10.19 -7.51
C ASP A 405 -29.45 -10.28 -6.02
N THR A 406 -28.19 -10.71 -5.88
CA THR A 406 -27.52 -10.90 -4.60
C THR A 406 -26.21 -10.15 -4.50
N ILE A 407 -25.96 -9.60 -3.33
CA ILE A 407 -24.61 -9.24 -2.94
C ILE A 407 -24.11 -10.34 -1.99
N LEU A 408 -22.92 -10.87 -2.25
CA LEU A 408 -22.30 -11.89 -1.40
C LEU A 408 -21.13 -11.29 -0.63
N ILE A 409 -20.98 -11.66 0.64
CA ILE A 409 -19.84 -11.16 1.43
C ILE A 409 -19.00 -12.33 1.94
N TRP A 410 -17.94 -12.64 1.20
CA TRP A 410 -17.09 -13.78 1.46
C TRP A 410 -16.02 -13.37 2.46
N ASP A 411 -15.61 -14.32 3.30
CA ASP A 411 -14.65 -14.08 4.38
C ASP A 411 -13.20 -14.53 4.06
N PRO B 2 28.18 32.81 0.68
CA PRO B 2 28.62 32.82 2.08
C PRO B 2 29.97 32.11 2.31
N SER B 3 30.31 31.91 3.60
CA SER B 3 31.50 31.15 3.99
C SER B 3 31.87 31.29 5.49
N ILE B 4 31.31 30.43 6.34
CA ILE B 4 31.61 30.49 7.79
C ILE B 4 32.70 29.50 8.23
N LYS B 5 33.32 29.82 9.36
CA LYS B 5 34.35 28.97 9.95
C LYS B 5 33.85 28.32 11.23
N LEU B 6 33.58 27.02 11.19
CA LEU B 6 33.24 26.28 12.41
C LEU B 6 34.54 25.74 13.06
N GLN B 7 34.58 25.72 14.39
CA GLN B 7 35.83 25.60 15.14
C GLN B 7 35.71 24.44 16.09
N SER B 8 36.40 23.35 15.73
CA SER B 8 36.33 22.06 16.42
C SER B 8 36.76 22.15 17.88
N SER B 9 36.45 21.12 18.68
CA SER B 9 36.90 21.08 20.09
C SER B 9 38.40 21.36 20.25
N ASP B 10 39.14 21.25 19.14
CA ASP B 10 40.62 21.20 19.11
C ASP B 10 41.32 22.53 18.92
N GLY B 11 40.56 23.52 18.48
CA GLY B 11 41.15 24.75 18.01
C GLY B 11 41.03 24.79 16.50
N GLU B 12 41.37 23.68 15.83
CA GLU B 12 41.34 23.60 14.37
C GLU B 12 40.08 24.19 13.74
N ILE B 13 40.31 25.09 12.78
CA ILE B 13 39.29 25.88 12.14
C ILE B 13 39.01 25.35 10.73
N PHE B 14 37.97 24.54 10.58
CA PHE B 14 37.55 24.08 9.25
C PHE B 14 36.69 25.16 8.61
N GLU B 15 36.93 25.43 7.34
CA GLU B 15 36.17 26.42 6.59
C GLU B 15 35.21 25.71 5.67
N VAL B 16 33.92 26.05 5.79
CA VAL B 16 32.89 25.53 4.89
C VAL B 16 31.93 26.64 4.37
N ASP B 17 31.52 26.58 3.09
CA ASP B 17 30.34 27.32 2.63
C ASP B 17 29.19 27.15 3.66
N VAL B 18 28.37 28.18 3.79
CA VAL B 18 27.10 28.05 4.52
C VAL B 18 26.23 27.18 3.62
N GLU B 19 25.41 26.32 4.22
CA GLU B 19 24.49 25.44 3.48
C GLU B 19 25.08 24.05 3.33
N ILE B 20 26.41 23.99 3.38
CA ILE B 20 27.10 22.72 3.48
C ILE B 20 26.86 22.36 4.93
N ALA B 21 27.05 23.35 5.78
CA ALA B 21 26.82 23.22 7.20
C ALA B 21 25.32 23.23 7.55
N LYS B 22 24.59 24.22 7.01
CA LYS B 22 23.24 24.56 7.46
C LYS B 22 22.30 23.34 7.59
N GLN B 23 22.80 22.15 7.21
CA GLN B 23 22.06 20.89 7.32
C GLN B 23 22.17 20.27 8.69
N SER B 24 23.20 20.71 9.43
CA SER B 24 23.20 20.67 10.89
C SER B 24 22.25 21.77 11.35
N VAL B 25 21.14 21.37 11.98
CA VAL B 25 20.19 22.36 12.48
C VAL B 25 20.88 23.05 13.67
N THR B 26 21.92 22.37 14.18
CA THR B 26 22.68 22.83 15.33
C THR B 26 23.58 23.98 14.91
N ILE B 27 24.39 23.79 13.88
CA ILE B 27 25.16 24.91 13.29
C ILE B 27 24.19 25.98 12.76
N LYS B 28 23.12 25.53 12.10
CA LYS B 28 22.05 26.40 11.66
C LYS B 28 21.71 27.40 12.77
N THR B 29 21.18 26.91 13.89
CA THR B 29 20.71 27.77 15.00
C THR B 29 21.76 28.83 15.43
N MET B 30 23.02 28.44 15.50
CA MET B 30 24.11 29.33 15.95
C MET B 30 24.44 30.46 14.96
N LEU B 31 23.73 30.49 13.84
CA LEU B 31 23.85 31.59 12.92
C LEU B 31 22.45 32.18 12.82
N GLU B 32 21.51 31.34 12.40
CA GLU B 32 20.10 31.67 12.26
C GLU B 32 19.40 32.29 13.48
N ASP B 33 19.96 32.10 14.69
CA ASP B 33 19.35 32.61 15.93
C ASP B 33 20.32 33.40 16.80
N LEU B 34 21.43 32.78 17.17
CA LEU B 34 22.55 33.48 17.79
C LEU B 34 23.44 33.89 16.65
N GLY B 35 23.89 35.15 16.66
CA GLY B 35 24.67 35.69 15.56
C GLY B 35 26.15 35.39 15.73
N MET B 36 26.45 34.14 16.06
CA MET B 36 27.78 33.74 16.46
C MET B 36 28.73 33.76 15.29
N ASP B 37 29.78 34.57 15.44
CA ASP B 37 30.95 34.60 14.55
C ASP B 37 31.40 33.14 14.25
N PRO B 38 32.60 32.69 14.66
CA PRO B 38 32.99 31.31 14.36
C PRO B 38 32.04 30.36 15.09
N VAL B 39 31.74 29.19 14.51
CA VAL B 39 30.88 28.20 15.17
C VAL B 39 31.65 27.20 16.04
N PRO B 40 31.61 27.33 17.34
CA PRO B 40 32.42 26.46 18.19
C PRO B 40 31.72 25.13 18.48
N LEU B 41 32.25 24.04 17.90
CA LEU B 41 31.81 22.67 18.26
C LEU B 41 32.53 21.90 19.43
N PRO B 42 32.39 22.34 20.66
CA PRO B 42 33.09 21.69 21.78
C PRO B 42 32.86 20.18 21.87
N ASN B 43 31.88 19.65 21.15
CA ASN B 43 31.62 18.23 21.22
C ASN B 43 32.14 17.45 20.02
N VAL B 44 32.62 18.14 19.01
CA VAL B 44 33.27 17.40 17.94
C VAL B 44 34.71 17.82 17.66
N ASN B 45 35.58 16.91 18.09
CA ASN B 45 36.88 16.58 17.51
C ASN B 45 37.22 17.16 16.13
N ALA B 46 38.50 17.48 15.89
CA ALA B 46 38.98 17.89 14.53
C ALA B 46 38.90 16.73 13.54
N ALA B 47 39.49 15.61 13.94
CA ALA B 47 39.38 14.39 13.17
C ALA B 47 37.93 14.07 12.79
N ILE B 48 37.04 13.96 13.78
CA ILE B 48 35.60 13.76 13.50
C ILE B 48 34.96 14.86 12.63
N LEU B 49 35.29 16.13 12.87
CA LEU B 49 34.64 17.18 12.12
C LEU B 49 34.83 16.85 10.66
N LYS B 50 36.10 16.73 10.25
CA LYS B 50 36.53 16.35 8.90
C LYS B 50 35.55 15.34 8.30
N LYS B 51 35.48 14.14 8.89
CA LYS B 51 34.65 13.05 8.37
C LYS B 51 33.13 13.39 8.19
N VAL B 52 32.62 14.34 8.97
CA VAL B 52 31.22 14.77 8.76
C VAL B 52 31.06 15.87 7.68
N ILE B 53 32.03 16.78 7.59
CA ILE B 53 32.10 17.74 6.46
C ILE B 53 32.33 16.99 5.14
N GLN B 54 33.08 15.90 5.23
CA GLN B 54 33.36 15.04 4.09
C GLN B 54 32.15 14.13 3.79
N TRP B 55 31.02 14.44 4.44
CA TRP B 55 29.75 13.75 4.25
C TRP B 55 28.72 14.79 3.82
N CYS B 56 28.71 15.90 4.56
CA CYS B 56 27.85 17.04 4.25
C CYS B 56 28.27 17.78 2.99
N THR B 57 29.45 17.53 2.43
CA THR B 57 29.72 18.03 1.07
C THR B 57 28.91 17.18 0.10
N HIS B 58 29.19 15.88 0.10
CA HIS B 58 28.59 14.88 -0.79
C HIS B 58 27.04 14.80 -0.75
N HIS B 59 26.38 15.75 -0.09
CA HIS B 59 24.92 15.75 0.02
C HIS B 59 24.27 17.14 -0.17
N ILE B 67 19.83 2.02 2.69
CA ILE B 67 20.57 1.23 1.70
C ILE B 67 21.54 2.12 0.88
N PRO B 68 22.72 2.40 1.44
CA PRO B 68 23.67 3.34 0.81
C PRO B 68 24.61 2.69 -0.21
N VAL B 69 25.12 3.42 -1.19
CA VAL B 69 26.25 2.91 -1.99
C VAL B 69 27.58 3.49 -1.48
N TRP B 70 27.80 4.78 -1.73
CA TRP B 70 28.95 5.54 -1.24
C TRP B 70 29.14 5.54 0.28
N ASP B 71 28.06 5.37 1.01
CA ASP B 71 28.12 5.45 2.47
C ASP B 71 28.59 4.13 3.11
N GLN B 72 28.36 3.03 2.39
CA GLN B 72 28.64 1.68 2.87
C GLN B 72 30.11 1.60 3.29
N GLU B 73 30.94 2.30 2.52
CA GLU B 73 32.40 2.36 2.67
C GLU B 73 32.85 3.54 3.52
N PHE B 74 32.18 4.69 3.40
CA PHE B 74 32.45 5.83 4.27
C PHE B 74 32.38 5.42 5.74
N LEU B 75 31.53 4.42 6.01
CA LEU B 75 31.31 3.91 7.37
C LEU B 75 31.94 2.54 7.69
N LYS B 76 32.67 1.97 6.74
CA LYS B 76 33.53 0.84 7.08
C LYS B 76 34.76 1.40 7.80
N VAL B 77 34.52 1.78 9.06
CA VAL B 77 35.54 2.19 10.01
C VAL B 77 35.07 1.64 11.36
N ASP B 78 35.99 1.56 12.32
CA ASP B 78 35.74 0.91 13.61
C ASP B 78 34.70 1.58 14.48
N GLN B 79 33.87 0.73 15.07
CA GLN B 79 32.96 1.08 16.16
C GLN B 79 33.32 2.42 16.83
N GLY B 80 34.42 2.44 17.58
CA GLY B 80 34.83 3.65 18.29
C GLY B 80 34.88 4.95 17.49
N THR B 81 34.68 4.86 16.19
CA THR B 81 34.66 6.07 15.41
C THR B 81 33.32 6.09 14.72
N LEU B 82 32.74 4.90 14.52
CA LEU B 82 31.35 4.79 14.15
C LEU B 82 30.50 5.42 15.27
N PHE B 83 30.53 4.81 16.44
CA PHE B 83 29.98 5.37 17.66
C PHE B 83 30.14 6.88 17.69
N GLU B 84 31.39 7.33 17.78
CA GLU B 84 31.79 8.74 17.70
C GLU B 84 31.02 9.57 16.67
N LEU B 85 30.76 9.01 15.48
CA LEU B 85 29.96 9.70 14.49
C LEU B 85 28.48 9.78 14.93
N ILE B 86 27.88 8.65 15.31
CA ILE B 86 26.54 8.61 15.90
C ILE B 86 26.30 9.74 16.90
N LEU B 87 27.29 10.06 17.73
CA LEU B 87 27.10 11.21 18.61
C LEU B 87 27.96 12.34 18.17
N ALA B 88 27.40 13.20 17.35
CA ALA B 88 28.11 14.18 16.59
C ALA B 88 27.06 14.36 15.54
N ALA B 89 26.61 13.22 14.99
CA ALA B 89 25.48 13.21 14.09
C ALA B 89 24.34 13.76 14.89
N ASN B 90 24.09 13.10 16.02
CA ASN B 90 23.17 13.54 17.05
C ASN B 90 23.43 14.92 17.66
N TYR B 91 24.69 15.33 17.77
CA TYR B 91 25.02 16.62 18.36
C TYR B 91 24.81 17.70 17.32
N LEU B 92 25.42 17.54 16.16
CA LEU B 92 25.20 18.48 15.06
C LEU B 92 23.81 18.32 14.43
N ASP B 93 22.91 17.56 15.06
CA ASP B 93 21.60 17.20 14.47
C ASP B 93 21.55 17.14 12.92
N ILE B 94 22.08 16.05 12.38
CA ILE B 94 22.09 15.80 10.95
C ILE B 94 21.21 14.56 10.73
N LYS B 95 19.90 14.76 10.62
CA LYS B 95 18.93 13.64 10.44
C LYS B 95 19.49 12.43 9.66
N GLY B 96 19.87 12.62 8.39
CA GLY B 96 20.52 11.58 7.61
C GLY B 96 21.67 10.90 8.37
N LEU B 97 22.76 11.63 8.57
CA LEU B 97 23.95 11.01 9.08
C LEU B 97 23.63 10.17 10.35
N LEU B 98 22.69 10.60 11.19
CA LEU B 98 22.31 9.80 12.37
C LEU B 98 21.51 8.56 11.98
N ASP B 99 20.76 8.67 10.90
CA ASP B 99 19.97 7.54 10.44
C ASP B 99 20.85 6.45 9.83
N VAL B 100 21.61 6.78 8.79
CA VAL B 100 22.50 5.82 8.13
C VAL B 100 23.64 5.28 9.04
N THR B 101 24.04 6.02 10.07
CA THR B 101 24.98 5.42 11.01
C THR B 101 24.28 4.51 12.01
N CYS B 102 22.99 4.69 12.20
CA CYS B 102 22.30 3.75 13.07
C CYS B 102 21.95 2.53 12.28
N LYS B 103 21.28 2.74 11.13
CA LYS B 103 21.04 1.69 10.14
C LYS B 103 22.24 0.75 10.13
N THR B 104 23.44 1.31 10.16
CA THR B 104 24.65 0.49 10.03
C THR B 104 24.81 -0.44 11.23
N VAL B 105 24.74 0.10 12.44
CA VAL B 105 24.75 -0.75 13.64
C VAL B 105 23.58 -1.75 13.59
N ALA B 106 22.45 -1.37 13.00
CA ALA B 106 21.34 -2.30 12.88
C ALA B 106 21.73 -3.48 11.99
N ASN B 107 22.12 -3.19 10.74
CA ASN B 107 22.69 -4.18 9.81
C ASN B 107 23.74 -5.12 10.46
N MET B 108 24.34 -4.69 11.56
CA MET B 108 25.36 -5.48 12.20
C MET B 108 24.80 -6.37 13.32
N ILE B 109 23.50 -6.22 13.63
CA ILE B 109 22.82 -6.98 14.68
C ILE B 109 21.91 -7.99 13.99
N LYS B 110 21.24 -7.50 12.95
CA LYS B 110 20.36 -8.22 12.04
C LYS B 110 21.04 -9.53 11.72
N GLY B 111 20.27 -10.56 11.40
CA GLY B 111 20.91 -11.83 11.20
C GLY B 111 21.34 -12.49 12.51
N LYS B 112 20.94 -13.76 12.58
CA LYS B 112 21.03 -14.66 13.75
C LYS B 112 21.91 -14.37 15.04
N THR B 113 21.44 -15.01 16.11
CA THR B 113 22.12 -15.36 17.38
C THR B 113 22.80 -14.33 18.27
N PRO B 114 22.29 -14.30 19.51
CA PRO B 114 22.87 -13.56 20.63
C PRO B 114 24.36 -13.78 20.81
N GLU B 115 24.86 -14.96 20.45
CA GLU B 115 26.29 -15.26 20.59
C GLU B 115 27.06 -14.56 19.50
N GLU B 116 26.48 -14.49 18.29
CA GLU B 116 27.14 -13.78 17.21
C GLU B 116 27.16 -12.29 17.49
N ILE B 117 26.09 -11.78 18.07
CA ILE B 117 26.00 -10.36 18.32
C ILE B 117 27.08 -9.94 19.29
N ARG B 118 27.22 -10.70 20.38
CA ARG B 118 28.32 -10.52 21.33
C ARG B 118 29.64 -10.47 20.63
N LYS B 119 30.07 -11.59 20.05
CA LYS B 119 31.30 -11.65 19.24
C LYS B 119 31.52 -10.41 18.36
N THR B 120 30.43 -9.86 17.82
CA THR B 120 30.52 -8.70 16.96
C THR B 120 30.94 -7.48 17.75
N PHE B 121 30.27 -7.24 18.87
CA PHE B 121 30.48 -6.06 19.69
C PHE B 121 31.25 -6.33 20.99
N ASN B 122 31.71 -7.56 21.20
CA ASN B 122 32.35 -8.02 22.48
C ASN B 122 31.37 -8.56 23.56
N ILE B 123 31.04 -7.77 24.58
CA ILE B 123 29.79 -8.02 25.32
C ILE B 123 29.66 -9.41 25.97
N LYS B 124 30.17 -9.58 27.20
CA LYS B 124 29.91 -10.81 27.99
C LYS B 124 28.42 -11.03 28.26
N ASN B 125 28.02 -12.30 28.41
CA ASN B 125 26.65 -12.63 28.82
C ASN B 125 26.46 -12.45 30.33
N ASP B 126 25.47 -11.64 30.73
CA ASP B 126 25.24 -11.36 32.15
C ASP B 126 24.35 -12.40 32.82
N PHE B 127 23.32 -12.87 32.10
CA PHE B 127 22.28 -13.74 32.64
C PHE B 127 22.78 -15.04 33.24
N THR B 128 22.28 -15.35 34.43
CA THR B 128 22.36 -16.67 35.01
C THR B 128 21.63 -17.65 34.09
N GLU B 129 21.69 -18.94 34.38
CA GLU B 129 20.82 -19.89 33.69
C GLU B 129 19.34 -19.45 33.76
N GLU B 130 18.85 -19.18 34.97
CA GLU B 130 17.45 -18.80 35.15
C GLU B 130 17.04 -17.64 34.22
N GLU B 131 17.74 -16.52 34.32
CA GLU B 131 17.41 -15.35 33.52
C GLU B 131 17.48 -15.68 32.04
N GLU B 132 18.48 -16.45 31.64
CA GLU B 132 18.58 -16.96 30.26
C GLU B 132 17.37 -17.79 29.83
N ALA B 133 16.85 -18.59 30.77
CA ALA B 133 15.76 -19.53 30.49
C ALA B 133 14.43 -18.81 30.33
N GLN B 134 14.19 -17.81 31.18
CA GLN B 134 12.92 -17.09 31.14
C GLN B 134 12.99 -15.91 30.15
N VAL B 135 13.97 -15.96 29.27
CA VAL B 135 13.99 -15.12 28.08
C VAL B 135 13.78 -16.00 26.84
N ARG B 136 14.56 -17.08 26.76
CA ARG B 136 14.29 -18.15 25.78
C ARG B 136 12.85 -18.73 25.85
N LYS B 137 12.13 -18.47 26.94
CA LYS B 137 10.79 -19.04 27.14
C LYS B 137 9.75 -18.19 26.41
N GLU B 138 9.96 -16.88 26.41
CA GLU B 138 9.18 -16.02 25.51
C GLU B 138 9.92 -15.90 24.17
N ASN B 139 9.98 -17.05 23.48
CA ASN B 139 10.89 -17.24 22.36
C ASN B 139 10.32 -16.82 21.03
N TYR C 12 -30.17 -9.94 -23.65
CA TYR C 12 -29.39 -9.66 -22.46
C TYR C 12 -27.98 -10.15 -22.71
N LEU C 13 -27.02 -9.21 -22.73
CA LEU C 13 -25.61 -9.52 -22.44
C LEU C 13 -25.43 -8.82 -21.11
N ASP C 14 -24.72 -7.72 -21.03
CA ASP C 14 -24.99 -6.87 -19.88
C ASP C 14 -25.31 -5.65 -20.59
N GLY C 16 -23.97 -3.51 -19.49
CA GLY C 16 -22.72 -2.88 -19.09
C GLY C 16 -21.41 -3.28 -19.76
N ILE C 17 -21.49 -4.03 -20.85
CA ILE C 17 -20.33 -4.54 -21.59
C ILE C 17 -20.86 -4.86 -23.01
N HIS C 18 -20.03 -4.64 -24.03
CA HIS C 18 -20.44 -4.90 -25.41
C HIS C 18 -19.24 -5.31 -26.22
N GLY C 20 -17.58 -6.57 -30.06
CA GLY C 20 -17.00 -5.77 -31.11
C GLY C 20 -17.84 -5.39 -32.30
N ALA C 21 -17.29 -4.48 -33.09
CA ALA C 21 -17.84 -3.97 -34.35
C ALA C 21 -19.06 -3.01 -34.20
N THR C 22 -20.29 -3.47 -34.49
CA THR C 22 -21.49 -2.59 -34.35
C THR C 22 -22.48 -3.08 -33.29
#